data_3UI0
#
_entry.id   3UI0
#
_cell.length_a   91.760
_cell.length_b   44.430
_cell.length_c   143.960
_cell.angle_alpha   90.00
_cell.angle_beta   90.00
_cell.angle_gamma   90.00
#
_symmetry.space_group_name_H-M   'C 2 2 21'
#
loop_
_entity.id
_entity.type
_entity.pdbx_description
1 polymer Globin-1
2 non-polymer 'PROTOPORPHYRIN IX CONTAINING FE'
3 water water
#
_entity_poly.entity_id   1
_entity_poly.type   'polypeptide(L)'
_entity_poly.pdbx_seq_one_letter_code
;PSVYDAAAQLTADVKKDLRDSWKVIGSDKKGNGVALMTTLFADNQETIGYFKRLGDVSQGMANDKLRGHSIGLMYALQNF
IDQLDNPDDLVCVVEKFAVNHITRKISAAEFGKINGPIKKVLASKNFGDKYANAWAKLVAVVQAAL
;
_entity_poly.pdbx_strand_id   A,B
#
loop_
_chem_comp.id
_chem_comp.type
_chem_comp.name
_chem_comp.formula
HEM non-polymer 'PROTOPORPHYRIN IX CONTAINING FE' 'C34 H32 Fe N4 O4'
#
# COMPACT_ATOMS: atom_id res chain seq x y z
N SER A 2 20.18 0.57 13.91
CA SER A 2 19.58 -0.36 12.90
C SER A 2 18.06 -0.33 13.00
N VAL A 3 17.38 -0.88 11.99
CA VAL A 3 15.92 -0.89 11.99
C VAL A 3 15.35 -1.66 13.18
N TYR A 4 16.04 -2.70 13.61
CA TYR A 4 15.57 -3.50 14.73
C TYR A 4 15.66 -2.73 16.05
N ASP A 5 16.68 -1.88 16.17
CA ASP A 5 16.85 -1.09 17.38
C ASP A 5 15.86 0.07 17.37
N ALA A 6 15.56 0.59 16.18
CA ALA A 6 14.63 1.70 16.03
C ALA A 6 13.21 1.26 16.32
N ALA A 7 12.86 0.03 15.93
CA ALA A 7 11.53 -0.49 16.16
C ALA A 7 11.31 -0.68 17.66
N ALA A 8 12.39 -0.92 18.39
CA ALA A 8 12.31 -1.12 19.83
C ALA A 8 11.98 0.18 20.56
N GLN A 9 12.07 1.31 19.85
CA GLN A 9 11.80 2.61 20.44
C GLN A 9 10.31 2.90 20.52
N LEU A 10 9.52 2.07 19.86
CA LEU A 10 8.08 2.23 19.86
C LEU A 10 7.51 1.62 21.13
N THR A 11 7.56 2.41 22.21
CA THR A 11 7.08 2.00 23.51
C THR A 11 5.55 1.91 23.56
N ALA A 12 5.05 1.39 24.68
CA ALA A 12 3.61 1.22 24.88
C ALA A 12 2.78 2.47 24.59
N ASP A 13 3.14 3.59 25.21
CA ASP A 13 2.37 4.81 25.01
C ASP A 13 2.58 5.45 23.65
N VAL A 14 3.73 5.18 23.03
CA VAL A 14 3.99 5.73 21.70
C VAL A 14 3.04 5.03 20.74
N LYS A 15 2.91 3.72 20.89
CA LYS A 15 2.02 2.95 20.02
C LYS A 15 0.57 3.40 20.24
N LYS A 16 0.22 3.66 21.49
CA LYS A 16 -1.13 4.10 21.81
C LYS A 16 -1.44 5.46 21.18
N ASP A 17 -0.50 6.41 21.29
CA ASP A 17 -0.72 7.73 20.72
C ASP A 17 -0.78 7.67 19.20
N LEU A 18 -0.06 6.72 18.61
CA LEU A 18 -0.08 6.54 17.15
C LEU A 18 -1.46 6.07 16.73
N ARG A 19 -2.00 5.11 17.46
CA ARG A 19 -3.33 4.57 17.15
C ARG A 19 -4.44 5.59 17.33
N ASP A 20 -4.42 6.29 18.46
CA ASP A 20 -5.45 7.29 18.74
C ASP A 20 -5.48 8.41 17.71
N SER A 21 -4.31 8.85 17.26
CA SER A 21 -4.25 9.91 16.26
C SER A 21 -4.60 9.39 14.87
N TRP A 22 -4.19 8.16 14.56
CA TRP A 22 -4.48 7.58 13.25
C TRP A 22 -5.98 7.36 13.09
N LYS A 23 -6.66 7.06 14.19
CA LYS A 23 -8.09 6.83 14.15
C LYS A 23 -8.78 8.01 13.50
N VAL A 24 -8.25 9.21 13.73
CA VAL A 24 -8.81 10.43 13.16
C VAL A 24 -8.21 10.73 11.80
N ILE A 25 -6.87 10.78 11.73
CA ILE A 25 -6.18 11.07 10.48
C ILE A 25 -6.49 10.09 9.35
N GLY A 26 -6.52 8.79 9.68
CA GLY A 26 -6.78 7.78 8.68
C GLY A 26 -8.23 7.70 8.23
N SER A 27 -9.10 8.48 8.86
CA SER A 27 -10.51 8.50 8.52
C SER A 27 -10.76 9.10 7.15
N ASP A 28 -9.88 10.02 6.75
CA ASP A 28 -10.01 10.66 5.45
C ASP A 28 -8.66 10.59 4.76
N LYS A 29 -8.37 9.43 4.18
CA LYS A 29 -7.12 9.18 3.50
C LYS A 29 -6.88 10.08 2.29
N LYS A 30 -7.92 10.34 1.51
CA LYS A 30 -7.77 11.20 0.35
C LYS A 30 -7.47 12.64 0.76
N GLY A 31 -8.30 13.19 1.63
CA GLY A 31 -8.11 14.57 2.08
C GLY A 31 -6.82 14.82 2.83
N ASN A 32 -6.53 13.99 3.83
CA ASN A 32 -5.33 14.16 4.64
C ASN A 32 -4.06 13.76 3.88
N GLY A 33 -4.20 12.82 2.96
CA GLY A 33 -3.05 12.39 2.17
C GLY A 33 -2.60 13.51 1.26
N VAL A 34 -3.55 14.16 0.60
CA VAL A 34 -3.24 15.26 -0.30
C VAL A 34 -2.73 16.46 0.50
N ALA A 35 -3.30 16.69 1.67
CA ALA A 35 -2.87 17.80 2.51
C ALA A 35 -1.41 17.60 2.91
N LEU A 36 -1.06 16.35 3.19
CA LEU A 36 0.29 15.98 3.59
C LEU A 36 1.29 16.30 2.48
N MET A 37 0.97 15.90 1.26
CA MET A 37 1.84 16.13 0.11
C MET A 37 1.97 17.60 -0.27
N THR A 38 0.85 18.33 -0.28
CA THR A 38 0.88 19.75 -0.64
C THR A 38 1.69 20.54 0.37
N THR A 39 1.64 20.13 1.63
CA THR A 39 2.38 20.81 2.69
C THR A 39 3.87 20.55 2.51
N LEU A 40 4.21 19.32 2.13
CA LEU A 40 5.60 18.94 1.90
C LEU A 40 6.18 19.80 0.77
N PHE A 41 5.44 19.90 -0.33
CA PHE A 41 5.90 20.67 -1.47
C PHE A 41 5.97 22.16 -1.18
N ALA A 42 5.13 22.63 -0.27
CA ALA A 42 5.10 24.05 0.07
C ALA A 42 6.26 24.41 1.00
N ASP A 43 6.50 23.57 2.01
CA ASP A 43 7.57 23.82 2.98
C ASP A 43 8.95 23.38 2.50
N ASN A 44 8.99 22.45 1.56
CA ASN A 44 10.26 21.96 1.02
C ASN A 44 10.17 21.79 -0.49
N GLN A 45 10.11 22.92 -1.19
CA GLN A 45 10.04 22.95 -2.64
C GLN A 45 11.12 22.12 -3.31
N GLU A 46 12.24 21.91 -2.63
CA GLU A 46 13.36 21.15 -3.20
C GLU A 46 13.04 19.68 -3.43
N THR A 47 11.98 19.19 -2.78
CA THR A 47 11.59 17.79 -2.94
C THR A 47 10.73 17.55 -4.18
N ILE A 48 10.18 18.63 -4.75
CA ILE A 48 9.34 18.50 -5.93
C ILE A 48 10.05 17.78 -7.07
N GLY A 49 11.35 17.99 -7.19
CA GLY A 49 12.13 17.36 -8.24
C GLY A 49 11.98 15.84 -8.30
N TYR A 50 11.80 15.21 -7.15
CA TYR A 50 11.66 13.75 -7.09
C TYR A 50 10.32 13.29 -7.65
N PHE A 51 9.37 14.21 -7.75
CA PHE A 51 8.02 13.89 -8.24
C PHE A 51 7.68 14.42 -9.63
N LYS A 52 8.69 14.48 -10.51
CA LYS A 52 8.49 14.96 -11.88
C LYS A 52 7.34 14.26 -12.59
N ARG A 53 7.21 12.95 -12.38
CA ARG A 53 6.16 12.16 -13.03
C ARG A 53 4.75 12.64 -12.70
N LEU A 54 4.57 13.22 -11.52
CA LEU A 54 3.27 13.70 -11.08
C LEU A 54 2.73 14.93 -11.84
N GLY A 55 3.63 15.65 -12.51
CA GLY A 55 3.19 16.82 -13.26
C GLY A 55 3.05 18.07 -12.41
N ASP A 56 2.08 18.91 -12.73
CA ASP A 56 1.85 20.14 -11.98
C ASP A 56 1.27 19.84 -10.60
N VAL A 57 2.15 19.72 -9.63
CA VAL A 57 1.78 19.42 -8.25
C VAL A 57 0.97 20.51 -7.54
N SER A 58 0.97 21.73 -8.09
CA SER A 58 0.23 22.83 -7.45
C SER A 58 -1.28 22.72 -7.65
N GLN A 59 -1.69 21.83 -8.55
CA GLN A 59 -3.12 21.64 -8.81
C GLN A 59 -3.79 20.89 -7.66
N GLY A 60 -2.97 20.28 -6.82
CA GLY A 60 -3.49 19.55 -5.68
C GLY A 60 -4.44 18.43 -6.00
N MET A 61 -5.62 18.45 -5.37
CA MET A 61 -6.65 17.44 -5.53
C MET A 61 -7.06 17.21 -6.99
N ALA A 62 -6.97 18.25 -7.81
CA ALA A 62 -7.35 18.18 -9.21
C ALA A 62 -6.36 17.39 -10.06
N ASN A 63 -5.16 17.16 -9.53
CA ASN A 63 -4.14 16.40 -10.24
C ASN A 63 -4.38 14.92 -9.94
N ASP A 64 -4.88 14.18 -10.92
CA ASP A 64 -5.17 12.76 -10.74
C ASP A 64 -3.98 11.94 -10.26
N LYS A 65 -2.80 12.21 -10.81
CA LYS A 65 -1.60 11.45 -10.42
C LYS A 65 -1.21 11.75 -8.98
N LEU A 66 -1.34 13.02 -8.58
CA LEU A 66 -1.00 13.41 -7.21
C LEU A 66 -2.01 12.77 -6.25
N ARG A 67 -3.28 12.78 -6.65
CA ARG A 67 -4.32 12.22 -5.81
C ARG A 67 -4.10 10.71 -5.65
N GLY A 68 -3.76 10.04 -6.74
CA GLY A 68 -3.50 8.62 -6.69
C GLY A 68 -2.34 8.30 -5.76
N HIS A 69 -1.27 9.07 -5.87
CA HIS A 69 -0.09 8.86 -5.03
C HIS A 69 -0.41 9.13 -3.56
N SER A 70 -1.11 10.24 -3.31
CA SER A 70 -1.46 10.63 -1.94
C SER A 70 -2.32 9.59 -1.23
N ILE A 71 -3.29 9.01 -1.96
CA ILE A 71 -4.15 8.01 -1.37
C ILE A 71 -3.32 6.77 -1.00
N GLY A 72 -2.46 6.35 -1.92
CA GLY A 72 -1.63 5.19 -1.67
C GLY A 72 -0.68 5.37 -0.50
N LEU A 73 -0.21 6.59 -0.32
CA LEU A 73 0.70 6.90 0.78
C LEU A 73 0.05 6.61 2.13
N MET A 74 -1.25 6.90 2.22
CA MET A 74 -1.99 6.68 3.45
C MET A 74 -2.17 5.20 3.77
N TYR A 75 -2.19 4.34 2.75
CA TYR A 75 -2.34 2.92 2.99
C TYR A 75 -1.03 2.31 3.46
N ALA A 76 0.08 3.00 3.20
CA ALA A 76 1.39 2.53 3.66
C ALA A 76 1.44 2.81 5.16
N LEU A 77 0.90 3.95 5.57
CA LEU A 77 0.87 4.31 6.98
C LEU A 77 -0.11 3.37 7.69
N GLN A 78 -1.20 3.04 7.02
CA GLN A 78 -2.20 2.13 7.59
C GLN A 78 -1.51 0.80 7.89
N ASN A 79 -0.69 0.36 6.93
CA ASN A 79 0.05 -0.89 7.06
C ASN A 79 0.93 -0.84 8.32
N PHE A 80 1.72 0.23 8.45
CA PHE A 80 2.62 0.38 9.60
C PHE A 80 1.85 0.31 10.92
N ILE A 81 0.76 1.05 11.02
CA ILE A 81 -0.04 1.06 12.23
C ILE A 81 -0.56 -0.34 12.56
N ASP A 82 -1.02 -1.06 11.54
CA ASP A 82 -1.54 -2.41 11.76
C ASP A 82 -0.48 -3.40 12.24
N GLN A 83 0.79 -3.10 11.97
CA GLN A 83 1.88 -4.00 12.38
C GLN A 83 2.50 -3.67 13.73
N LEU A 84 2.00 -2.65 14.41
CA LEU A 84 2.56 -2.25 15.70
C LEU A 84 2.61 -3.35 16.76
N ASP A 85 1.66 -4.29 16.70
CA ASP A 85 1.60 -5.39 17.66
C ASP A 85 2.76 -6.38 17.53
N ASN A 86 3.25 -6.57 16.32
CA ASN A 86 4.34 -7.52 16.08
C ASN A 86 5.57 -6.84 15.47
N PRO A 87 6.62 -6.66 16.28
CA PRO A 87 7.86 -6.03 15.82
C PRO A 87 8.47 -6.70 14.58
N ASP A 88 8.41 -8.03 14.53
CA ASP A 88 8.97 -8.76 13.40
C ASP A 88 8.26 -8.43 12.10
N ASP A 89 6.96 -8.23 12.18
CA ASP A 89 6.18 -7.90 10.99
C ASP A 89 6.37 -6.42 10.62
N LEU A 90 6.49 -5.56 11.64
CA LEU A 90 6.70 -4.14 11.35
C LEU A 90 8.00 -3.95 10.60
N VAL A 91 9.05 -4.65 11.07
CA VAL A 91 10.35 -4.55 10.44
C VAL A 91 10.36 -5.04 8.99
N CYS A 92 9.79 -6.21 8.72
CA CYS A 92 9.79 -6.71 7.35
C CYS A 92 8.95 -5.83 6.41
N VAL A 93 7.92 -5.19 6.94
CA VAL A 93 7.09 -4.32 6.13
C VAL A 93 7.84 -2.99 5.87
N VAL A 94 8.60 -2.54 6.85
CA VAL A 94 9.36 -1.30 6.71
C VAL A 94 10.50 -1.49 5.70
N GLU A 95 11.19 -2.63 5.76
CA GLU A 95 12.28 -2.89 4.83
C GLU A 95 11.75 -3.03 3.41
N LYS A 96 10.59 -3.65 3.27
CA LYS A 96 9.95 -3.83 1.97
C LYS A 96 9.64 -2.45 1.39
N PHE A 97 9.07 -1.60 2.23
CA PHE A 97 8.71 -0.24 1.86
C PHE A 97 9.93 0.58 1.46
N ALA A 98 11.06 0.34 2.13
CA ALA A 98 12.28 1.09 1.85
C ALA A 98 12.93 0.80 0.51
N VAL A 99 12.75 -0.41 -0.02
CA VAL A 99 13.35 -0.80 -1.30
C VAL A 99 13.24 0.25 -2.41
N ASN A 100 12.02 0.62 -2.77
CA ASN A 100 11.83 1.60 -3.83
C ASN A 100 12.34 3.00 -3.49
N HIS A 101 12.31 3.35 -2.21
CA HIS A 101 12.80 4.67 -1.82
C HIS A 101 14.32 4.71 -1.88
N ILE A 102 14.95 3.58 -1.63
CA ILE A 102 16.41 3.47 -1.69
C ILE A 102 16.81 3.58 -3.15
N THR A 103 16.01 2.94 -4.02
CA THR A 103 16.26 2.95 -5.46
C THR A 103 16.16 4.36 -6.03
N ARG A 104 15.35 5.21 -5.40
CA ARG A 104 15.18 6.59 -5.86
C ARG A 104 16.21 7.51 -5.21
N LYS A 105 17.05 6.94 -4.35
CA LYS A 105 18.09 7.68 -3.66
C LYS A 105 17.53 8.65 -2.63
N ILE A 106 16.44 8.28 -1.98
CA ILE A 106 15.84 9.11 -0.95
C ILE A 106 16.59 8.75 0.33
N SER A 107 17.35 9.70 0.86
CA SER A 107 18.11 9.45 2.08
C SER A 107 17.27 9.59 3.34
N ALA A 108 17.82 9.19 4.47
CA ALA A 108 17.13 9.27 5.75
C ALA A 108 16.79 10.73 6.04
N ALA A 109 17.72 11.63 5.73
CA ALA A 109 17.53 13.06 5.96
C ALA A 109 16.42 13.60 5.07
N GLU A 110 16.39 13.13 3.83
CA GLU A 110 15.38 13.58 2.87
C GLU A 110 13.99 13.11 3.33
N PHE A 111 13.90 11.84 3.71
CA PHE A 111 12.64 11.26 4.16
C PHE A 111 12.13 11.98 5.41
N GLY A 112 13.05 12.34 6.30
CA GLY A 112 12.68 13.01 7.53
C GLY A 112 11.97 14.33 7.35
N LYS A 113 11.96 14.85 6.12
CA LYS A 113 11.30 16.12 5.86
C LYS A 113 9.80 16.00 5.96
N ILE A 114 9.30 14.77 6.01
CA ILE A 114 7.86 14.53 6.10
C ILE A 114 7.33 14.82 7.51
N ASN A 115 8.24 14.89 8.48
CA ASN A 115 7.87 15.18 9.86
C ASN A 115 7.16 16.51 10.02
N GLY A 116 7.61 17.53 9.27
CA GLY A 116 6.98 18.82 9.36
C GLY A 116 5.52 18.74 8.94
N PRO A 117 5.26 18.25 7.72
CA PRO A 117 3.90 18.10 7.19
C PRO A 117 3.01 17.28 8.13
N ILE A 118 3.54 16.20 8.70
CA ILE A 118 2.76 15.37 9.61
C ILE A 118 2.35 16.17 10.84
N LYS A 119 3.31 16.91 11.40
CA LYS A 119 3.02 17.72 12.57
C LYS A 119 1.93 18.74 12.29
N LYS A 120 1.99 19.36 11.11
CA LYS A 120 0.99 20.37 10.74
C LYS A 120 -0.41 19.78 10.51
N VAL A 121 -0.47 18.60 9.90
CA VAL A 121 -1.76 17.95 9.67
C VAL A 121 -2.34 17.51 11.00
N LEU A 122 -1.49 17.02 11.89
CA LEU A 122 -1.91 16.59 13.21
C LEU A 122 -2.52 17.79 13.95
N ALA A 123 -1.78 18.90 13.93
CA ALA A 123 -2.22 20.12 14.60
C ALA A 123 -3.56 20.62 14.07
N SER A 124 -3.81 20.40 12.78
CA SER A 124 -5.06 20.84 12.17
C SER A 124 -6.23 20.03 12.73
N LYS A 125 -5.93 18.90 13.35
CA LYS A 125 -6.96 18.03 13.92
C LYS A 125 -6.94 18.02 15.45
N ASN A 126 -6.26 19.00 16.04
CA ASN A 126 -6.17 19.11 17.50
C ASN A 126 -5.24 18.12 18.18
N PHE A 127 -4.24 17.64 17.45
CA PHE A 127 -3.24 16.72 18.01
C PHE A 127 -1.93 17.48 18.11
N GLY A 128 -1.49 17.74 19.34
CA GLY A 128 -0.27 18.50 19.56
C GLY A 128 1.07 17.79 19.44
N ASP A 129 2.09 18.42 20.03
CA ASP A 129 3.47 17.92 20.02
C ASP A 129 3.65 16.47 20.46
N LYS A 130 2.88 16.05 21.46
CA LYS A 130 2.94 14.70 21.98
C LYS A 130 2.76 13.69 20.85
N TYR A 131 1.78 13.96 19.99
CA TYR A 131 1.48 13.08 18.86
C TYR A 131 2.47 13.25 17.72
N ALA A 132 2.94 14.47 17.50
CA ALA A 132 3.90 14.74 16.44
C ALA A 132 5.19 13.97 16.75
N ASN A 133 5.56 13.94 18.03
CA ASN A 133 6.76 13.24 18.47
C ASN A 133 6.60 11.72 18.34
N ALA A 134 5.38 11.23 18.57
CA ALA A 134 5.14 9.80 18.46
C ALA A 134 5.32 9.40 17.00
N TRP A 135 4.79 10.22 16.10
CA TRP A 135 4.92 9.93 14.68
C TRP A 135 6.36 10.05 14.20
N ALA A 136 7.14 10.93 14.82
CA ALA A 136 8.54 11.10 14.43
C ALA A 136 9.28 9.81 14.76
N LYS A 137 8.84 9.14 15.82
CA LYS A 137 9.47 7.89 16.22
C LYS A 137 9.21 6.80 15.20
N LEU A 138 8.01 6.79 14.64
CA LEU A 138 7.64 5.79 13.64
C LEU A 138 8.44 6.07 12.37
N VAL A 139 8.50 7.35 11.98
CA VAL A 139 9.23 7.76 10.80
C VAL A 139 10.70 7.40 10.96
N ALA A 140 11.19 7.43 12.19
CA ALA A 140 12.59 7.10 12.47
C ALA A 140 12.89 5.62 12.19
N VAL A 141 11.87 4.78 12.26
CA VAL A 141 12.06 3.35 11.98
C VAL A 141 12.35 3.19 10.50
N VAL A 142 11.67 3.97 9.67
CA VAL A 142 11.86 3.93 8.22
C VAL A 142 13.22 4.52 7.88
N GLN A 143 13.56 5.63 8.54
CA GLN A 143 14.84 6.28 8.29
C GLN A 143 16.00 5.32 8.53
N ALA A 144 15.85 4.46 9.54
CA ALA A 144 16.88 3.49 9.87
C ALA A 144 17.10 2.45 8.79
N ALA A 145 16.10 2.27 7.93
CA ALA A 145 16.15 1.30 6.84
C ALA A 145 16.65 1.90 5.53
N LEU A 146 16.78 3.23 5.49
CA LEU A 146 17.23 3.90 4.27
C LEU A 146 18.74 4.05 4.20
N SER B 2 -9.62 3.91 -21.12
CA SER B 2 -9.34 2.44 -21.19
C SER B 2 -9.62 1.79 -19.84
N VAL B 3 -9.01 2.33 -18.78
CA VAL B 3 -9.20 1.80 -17.44
C VAL B 3 -10.61 2.12 -16.96
N TYR B 4 -11.13 3.27 -17.39
CA TYR B 4 -12.49 3.68 -17.01
C TYR B 4 -13.49 2.68 -17.57
N ASP B 5 -13.25 2.21 -18.79
CA ASP B 5 -14.14 1.26 -19.44
C ASP B 5 -14.15 -0.08 -18.71
N ALA B 6 -12.99 -0.49 -18.21
CA ALA B 6 -12.87 -1.74 -17.48
C ALA B 6 -13.59 -1.58 -16.15
N ALA B 7 -13.45 -0.41 -15.55
CA ALA B 7 -14.09 -0.14 -14.27
C ALA B 7 -15.61 -0.20 -14.44
N ALA B 8 -16.07 0.04 -15.66
CA ALA B 8 -17.51 0.01 -15.96
C ALA B 8 -18.12 -1.38 -15.77
N GLN B 9 -17.27 -2.41 -15.74
CA GLN B 9 -17.74 -3.77 -15.55
C GLN B 9 -18.01 -4.08 -14.08
N LEU B 10 -17.55 -3.19 -13.22
CA LEU B 10 -17.75 -3.37 -11.78
C LEU B 10 -19.15 -2.87 -11.43
N THR B 11 -20.12 -3.73 -11.67
CA THR B 11 -21.52 -3.43 -11.39
C THR B 11 -21.81 -3.46 -9.90
N ALA B 12 -23.02 -3.05 -9.54
CA ALA B 12 -23.44 -3.03 -8.14
C ALA B 12 -23.28 -4.41 -7.49
N ASP B 13 -23.69 -5.46 -8.19
CA ASP B 13 -23.59 -6.81 -7.67
C ASP B 13 -22.14 -7.25 -7.55
N VAL B 14 -21.31 -6.88 -8.51
CA VAL B 14 -19.90 -7.24 -8.47
C VAL B 14 -19.23 -6.56 -7.29
N LYS B 15 -19.50 -5.28 -7.09
CA LYS B 15 -18.89 -4.54 -5.99
C LYS B 15 -19.33 -5.10 -4.65
N LYS B 16 -20.58 -5.57 -4.58
CA LYS B 16 -21.12 -6.14 -3.36
C LYS B 16 -20.38 -7.44 -3.02
N ASP B 17 -20.17 -8.29 -4.01
CA ASP B 17 -19.49 -9.56 -3.77
C ASP B 17 -18.02 -9.34 -3.41
N LEU B 18 -17.44 -8.27 -3.94
CA LEU B 18 -16.04 -7.96 -3.64
C LEU B 18 -15.92 -7.52 -2.19
N ARG B 19 -16.82 -6.65 -1.77
CA ARG B 19 -16.76 -6.19 -0.40
C ARG B 19 -17.02 -7.32 0.60
N ASP B 20 -18.01 -8.16 0.30
CA ASP B 20 -18.34 -9.24 1.20
C ASP B 20 -17.22 -10.23 1.38
N SER B 21 -16.56 -10.60 0.29
CA SER B 21 -15.47 -11.55 0.37
C SER B 21 -14.23 -10.94 0.99
N TRP B 22 -14.01 -9.65 0.75
CA TRP B 22 -12.85 -8.96 1.31
C TRP B 22 -12.99 -8.85 2.82
N LYS B 23 -14.22 -8.76 3.30
CA LYS B 23 -14.46 -8.64 4.73
C LYS B 23 -13.82 -9.83 5.45
N VAL B 24 -13.77 -10.97 4.76
CA VAL B 24 -13.15 -12.18 5.31
C VAL B 24 -11.69 -12.30 4.92
N ILE B 25 -11.40 -12.27 3.62
CA ILE B 25 -10.03 -12.40 3.13
C ILE B 25 -9.09 -11.33 3.70
N GLY B 26 -9.59 -10.11 3.80
CA GLY B 26 -8.78 -9.03 4.32
C GLY B 26 -8.65 -8.96 5.83
N SER B 27 -9.24 -9.92 6.53
CA SER B 27 -9.18 -9.93 7.99
C SER B 27 -7.91 -10.62 8.50
N ASP B 28 -7.17 -11.23 7.59
CA ASP B 28 -5.90 -11.89 7.91
C ASP B 28 -5.01 -11.63 6.70
N LYS B 29 -4.50 -10.42 6.61
CA LYS B 29 -3.65 -10.01 5.50
C LYS B 29 -2.35 -10.79 5.39
N LYS B 30 -1.72 -11.06 6.53
CA LYS B 30 -0.47 -11.80 6.51
C LYS B 30 -0.71 -13.24 6.04
N GLY B 31 -1.66 -13.92 6.67
CA GLY B 31 -1.95 -15.30 6.31
C GLY B 31 -2.42 -15.50 4.88
N ASN B 32 -3.42 -14.72 4.46
CA ASN B 32 -3.95 -14.86 3.11
C ASN B 32 -3.04 -14.26 2.05
N GLY B 33 -2.27 -13.25 2.42
CA GLY B 33 -1.35 -12.64 1.48
C GLY B 33 -0.27 -13.64 1.11
N VAL B 34 0.25 -14.34 2.12
CA VAL B 34 1.28 -15.33 1.90
C VAL B 34 0.70 -16.53 1.14
N ALA B 35 -0.55 -16.86 1.46
CA ALA B 35 -1.23 -17.97 0.80
C ALA B 35 -1.33 -17.68 -0.70
N LEU B 36 -1.62 -16.42 -1.03
CA LEU B 36 -1.75 -16.01 -2.43
C LEU B 36 -0.42 -16.18 -3.17
N MET B 37 0.63 -15.62 -2.60
CA MET B 37 1.95 -15.69 -3.23
C MET B 37 2.49 -17.11 -3.36
N THR B 38 2.41 -17.90 -2.30
CA THR B 38 2.92 -19.27 -2.38
C THR B 38 2.13 -20.10 -3.38
N THR B 39 0.85 -19.80 -3.54
CA THR B 39 0.01 -20.52 -4.49
C THR B 39 0.40 -20.13 -5.91
N LEU B 40 0.71 -18.85 -6.09
CA LEU B 40 1.13 -18.35 -7.40
C LEU B 40 2.41 -19.06 -7.81
N PHE B 41 3.36 -19.15 -6.87
CA PHE B 41 4.64 -19.79 -7.16
C PHE B 41 4.50 -21.28 -7.42
N ALA B 42 3.54 -21.92 -6.77
CA ALA B 42 3.33 -23.35 -6.93
C ALA B 42 2.66 -23.68 -8.26
N ASP B 43 1.67 -22.87 -8.64
CA ASP B 43 0.94 -23.10 -9.89
C ASP B 43 1.63 -22.54 -11.13
N ASN B 44 2.40 -21.48 -10.96
CA ASN B 44 3.12 -20.88 -12.07
C ASN B 44 4.55 -20.60 -11.63
N GLN B 45 5.37 -21.65 -11.56
CA GLN B 45 6.75 -21.52 -11.13
C GLN B 45 7.55 -20.46 -11.88
N GLU B 46 7.23 -20.23 -13.15
CA GLU B 46 7.95 -19.26 -13.94
C GLU B 46 7.87 -17.84 -13.38
N THR B 47 6.83 -17.55 -12.58
CA THR B 47 6.68 -16.21 -12.02
C THR B 47 7.74 -15.90 -10.95
N ILE B 48 8.41 -16.92 -10.44
CA ILE B 48 9.44 -16.72 -9.44
C ILE B 48 10.59 -15.89 -10.03
N GLY B 49 10.70 -15.90 -11.35
CA GLY B 49 11.74 -15.15 -12.02
C GLY B 49 11.74 -13.67 -11.72
N TYR B 50 10.56 -13.14 -11.39
CA TYR B 50 10.41 -11.72 -11.08
C TYR B 50 10.76 -11.38 -9.63
N PHE B 51 10.87 -12.42 -8.80
CA PHE B 51 11.12 -12.22 -7.37
C PHE B 51 12.46 -12.66 -6.82
N LYS B 52 13.52 -12.53 -7.61
CA LYS B 52 14.84 -12.94 -7.16
C LYS B 52 15.24 -12.23 -5.85
N ARG B 53 14.81 -10.97 -5.71
CA ARG B 53 15.15 -10.20 -4.51
C ARG B 53 14.62 -10.81 -3.23
N LEU B 54 13.52 -11.57 -3.32
CA LEU B 54 12.92 -12.17 -2.13
C LEU B 54 13.72 -13.34 -1.57
N GLY B 55 14.64 -13.87 -2.37
CA GLY B 55 15.47 -14.97 -1.90
C GLY B 55 14.80 -16.34 -1.95
N ASP B 56 14.96 -17.11 -0.88
CA ASP B 56 14.39 -18.45 -0.83
C ASP B 56 12.89 -18.44 -0.54
N VAL B 57 12.10 -18.29 -1.59
CA VAL B 57 10.65 -18.23 -1.47
C VAL B 57 10.01 -19.55 -1.03
N SER B 58 10.80 -20.63 -1.01
CA SER B 58 10.28 -21.92 -0.58
C SER B 58 10.04 -21.92 0.92
N GLN B 59 10.62 -20.92 1.61
CA GLN B 59 10.48 -20.79 3.06
C GLN B 59 9.09 -20.30 3.45
N GLY B 60 8.36 -19.78 2.49
CA GLY B 60 7.02 -19.28 2.75
C GLY B 60 6.96 -18.18 3.80
N MET B 61 6.02 -18.32 4.72
CA MET B 61 5.80 -17.36 5.80
C MET B 61 7.07 -16.99 6.58
N ALA B 62 7.95 -17.97 6.76
CA ALA B 62 9.19 -17.76 7.51
C ALA B 62 10.19 -16.82 6.82
N ASN B 63 10.00 -16.62 5.52
CA ASN B 63 10.87 -15.74 4.75
C ASN B 63 10.39 -14.30 4.98
N ASP B 64 11.18 -13.53 5.74
CA ASP B 64 10.83 -12.15 6.08
C ASP B 64 10.53 -11.26 4.87
N LYS B 65 11.34 -11.35 3.82
CA LYS B 65 11.12 -10.53 2.64
C LYS B 65 9.81 -10.90 1.94
N LEU B 66 9.54 -12.19 1.85
CA LEU B 66 8.31 -12.65 1.22
C LEU B 66 7.12 -12.24 2.06
N ARG B 67 7.25 -12.36 3.38
CA ARG B 67 6.16 -11.99 4.27
C ARG B 67 5.88 -10.50 4.14
N GLY B 68 6.94 -9.70 4.07
CA GLY B 68 6.78 -8.27 3.94
C GLY B 68 6.08 -7.90 2.65
N HIS B 69 6.47 -8.56 1.55
CA HIS B 69 5.85 -8.29 0.26
C HIS B 69 4.38 -8.71 0.26
N SER B 70 4.09 -9.87 0.82
CA SER B 70 2.74 -10.41 0.87
C SER B 70 1.77 -9.53 1.66
N ILE B 71 2.22 -9.00 2.80
CA ILE B 71 1.39 -8.13 3.60
C ILE B 71 1.10 -6.85 2.83
N GLY B 72 2.14 -6.31 2.19
CA GLY B 72 1.98 -5.09 1.43
C GLY B 72 1.02 -5.24 0.26
N LEU B 73 1.01 -6.42 -0.35
CA LEU B 73 0.14 -6.69 -1.48
C LEU B 73 -1.33 -6.55 -1.07
N MET B 74 -1.64 -7.00 0.14
CA MET B 74 -3.00 -6.93 0.65
C MET B 74 -3.50 -5.50 0.88
N TYR B 75 -2.57 -4.58 1.13
CA TYR B 75 -2.97 -3.20 1.34
C TYR B 75 -3.26 -2.49 0.03
N ALA B 76 -2.77 -3.07 -1.07
CA ALA B 76 -3.05 -2.51 -2.39
C ALA B 76 -4.49 -2.90 -2.70
N LEU B 77 -4.85 -4.13 -2.37
CA LEU B 77 -6.21 -4.60 -2.60
C LEU B 77 -7.17 -3.85 -1.69
N GLN B 78 -6.75 -3.59 -0.46
CA GLN B 78 -7.57 -2.84 0.49
C GLN B 78 -7.90 -1.49 -0.12
N ASN B 79 -6.89 -0.86 -0.72
CA ASN B 79 -7.01 0.44 -1.37
C ASN B 79 -8.07 0.33 -2.48
N PHE B 80 -7.92 -0.65 -3.36
CA PHE B 80 -8.87 -0.83 -4.47
C PHE B 80 -10.31 -1.00 -3.97
N ILE B 81 -10.49 -1.87 -2.99
CA ILE B 81 -11.82 -2.13 -2.44
C ILE B 81 -12.45 -0.86 -1.86
N ASP B 82 -11.65 -0.08 -1.16
CA ASP B 82 -12.15 1.16 -0.56
C ASP B 82 -12.56 2.21 -1.60
N GLN B 83 -12.00 2.15 -2.80
CA GLN B 83 -12.33 3.14 -3.83
C GLN B 83 -13.43 2.69 -4.80
N LEU B 84 -14.00 1.52 -4.57
CA LEU B 84 -15.03 0.99 -5.48
C LEU B 84 -16.21 1.91 -5.82
N ASP B 85 -16.65 2.73 -4.88
CA ASP B 85 -17.78 3.61 -5.16
C ASP B 85 -17.46 4.91 -5.91
N ASN B 86 -16.19 5.21 -6.09
CA ASN B 86 -15.81 6.43 -6.81
C ASN B 86 -14.87 6.08 -7.96
N PRO B 87 -15.43 5.83 -9.15
CA PRO B 87 -14.64 5.47 -10.34
C PRO B 87 -13.43 6.35 -10.57
N ASP B 88 -13.57 7.66 -10.32
CA ASP B 88 -12.46 8.58 -10.55
C ASP B 88 -11.28 8.28 -9.64
N ASP B 89 -11.56 7.92 -8.40
CA ASP B 89 -10.50 7.59 -7.45
C ASP B 89 -9.94 6.20 -7.71
N LEU B 90 -10.80 5.26 -8.07
CA LEU B 90 -10.35 3.90 -8.35
C LEU B 90 -9.37 3.94 -9.51
N VAL B 91 -9.73 4.69 -10.55
CA VAL B 91 -8.87 4.78 -11.73
C VAL B 91 -7.50 5.39 -11.43
N CYS B 92 -7.47 6.49 -10.67
CA CYS B 92 -6.17 7.11 -10.39
C CYS B 92 -5.30 6.24 -9.50
N VAL B 93 -5.94 5.48 -8.60
CA VAL B 93 -5.20 4.58 -7.72
C VAL B 93 -4.68 3.38 -8.52
N VAL B 94 -5.47 2.91 -9.47
CA VAL B 94 -5.06 1.77 -10.30
C VAL B 94 -3.92 2.17 -11.23
N GLU B 95 -3.99 3.37 -11.80
CA GLU B 95 -2.92 3.81 -12.70
C GLU B 95 -1.62 4.05 -11.92
N LYS B 96 -1.75 4.51 -10.68
CA LYS B 96 -0.58 4.75 -9.82
C LYS B 96 0.09 3.41 -9.53
N PHE B 97 -0.74 2.42 -9.20
CA PHE B 97 -0.29 1.07 -8.90
C PHE B 97 0.43 0.42 -10.07
N ALA B 98 -0.07 0.66 -11.28
CA ALA B 98 0.50 0.06 -12.49
C ALA B 98 1.89 0.56 -12.87
N VAL B 99 2.23 1.79 -12.49
CA VAL B 99 3.53 2.37 -12.82
C VAL B 99 4.72 1.45 -12.57
N ASN B 100 4.89 0.98 -11.34
CA ASN B 100 6.02 0.10 -11.04
C ASN B 100 5.94 -1.25 -11.73
N HIS B 101 4.73 -1.75 -11.96
CA HIS B 101 4.59 -3.04 -12.60
C HIS B 101 4.89 -2.95 -14.09
N ILE B 102 4.64 -1.77 -14.67
CA ILE B 102 4.93 -1.54 -16.08
C ILE B 102 6.44 -1.49 -16.22
N THR B 103 7.09 -0.84 -15.25
CA THR B 103 8.54 -0.72 -15.23
C THR B 103 9.20 -2.09 -15.14
N ARG B 104 8.57 -3.02 -14.43
N ARG B 104 8.55 -3.02 -14.45
CA ARG B 104 9.10 -4.37 -14.29
CA ARG B 104 9.08 -4.37 -14.30
C ARG B 104 8.77 -5.22 -15.52
C ARG B 104 8.77 -5.23 -15.52
N LYS B 105 8.11 -4.62 -16.50
CA LYS B 105 7.74 -5.32 -17.73
C LYS B 105 6.78 -6.48 -17.49
N ILE B 106 5.82 -6.27 -16.60
CA ILE B 106 4.83 -7.28 -16.28
C ILE B 106 3.61 -6.98 -17.15
N SER B 107 3.37 -7.85 -18.13
CA SER B 107 2.25 -7.68 -19.06
C SER B 107 0.92 -8.01 -18.42
N ALA B 108 -0.16 -7.62 -19.08
CA ALA B 108 -1.50 -7.89 -18.60
C ALA B 108 -1.72 -9.40 -18.50
N ALA B 109 -1.14 -10.13 -19.45
CA ALA B 109 -1.27 -11.58 -19.47
C ALA B 109 -0.56 -12.22 -18.29
N GLU B 110 0.61 -11.70 -17.97
CA GLU B 110 1.40 -12.21 -16.86
C GLU B 110 0.69 -11.90 -15.54
N PHE B 111 0.19 -10.68 -15.43
CA PHE B 111 -0.51 -10.26 -14.21
C PHE B 111 -1.75 -11.12 -14.00
N GLY B 112 -2.39 -11.51 -15.10
CA GLY B 112 -3.59 -12.32 -15.02
C GLY B 112 -3.41 -13.68 -14.37
N LYS B 113 -2.17 -14.12 -14.23
CA LYS B 113 -1.88 -15.40 -13.60
C LYS B 113 -2.28 -15.41 -12.13
N ILE B 114 -2.54 -14.23 -11.57
CA ILE B 114 -2.92 -14.11 -10.17
C ILE B 114 -4.38 -14.57 -9.94
N ASN B 115 -5.14 -14.68 -11.02
CA ASN B 115 -6.54 -15.11 -10.93
C ASN B 115 -6.71 -16.51 -10.34
N GLY B 116 -5.87 -17.44 -10.75
CA GLY B 116 -5.96 -18.79 -10.23
C GLY B 116 -5.79 -18.81 -8.72
N PRO B 117 -4.69 -18.23 -8.21
CA PRO B 117 -4.42 -18.18 -6.78
C PRO B 117 -5.55 -17.52 -5.99
N ILE B 118 -6.10 -16.43 -6.53
CA ILE B 118 -7.20 -15.72 -5.88
C ILE B 118 -8.42 -16.65 -5.76
N LYS B 119 -8.70 -17.38 -6.83
CA LYS B 119 -9.83 -18.31 -6.82
C LYS B 119 -9.63 -19.38 -5.74
N LYS B 120 -8.41 -19.91 -5.65
CA LYS B 120 -8.10 -20.93 -4.66
C LYS B 120 -8.20 -20.41 -3.23
N VAL B 121 -7.69 -19.20 -2.98
CA VAL B 121 -7.74 -18.63 -1.65
C VAL B 121 -9.19 -18.37 -1.24
N LEU B 122 -9.98 -17.88 -2.19
CA LEU B 122 -11.40 -17.61 -1.94
C LEU B 122 -12.10 -18.91 -1.58
N ALA B 123 -11.82 -19.96 -2.36
CA ALA B 123 -12.43 -21.27 -2.14
C ALA B 123 -12.06 -21.85 -0.77
N SER B 124 -10.86 -21.55 -0.28
CA SER B 124 -10.45 -22.07 1.03
C SER B 124 -11.29 -21.44 2.13
N LYS B 125 -11.92 -20.32 1.82
CA LYS B 125 -12.76 -19.64 2.79
C LYS B 125 -14.23 -19.85 2.43
N ASN B 126 -14.44 -20.76 1.48
CA ASN B 126 -15.76 -21.14 1.00
C ASN B 126 -16.50 -20.12 0.14
N PHE B 127 -15.76 -19.31 -0.61
CA PHE B 127 -16.37 -18.34 -1.51
C PHE B 127 -16.24 -18.96 -2.91
N GLY B 128 -17.39 -19.33 -3.48
CA GLY B 128 -17.42 -19.97 -4.78
C GLY B 128 -17.13 -19.17 -6.03
N ASP B 129 -17.39 -19.80 -7.17
CA ASP B 129 -17.16 -19.21 -8.49
C ASP B 129 -17.72 -17.80 -8.63
N LYS B 130 -18.86 -17.55 -8.02
CA LYS B 130 -19.53 -16.25 -8.08
C LYS B 130 -18.55 -15.16 -7.64
N TYR B 131 -17.85 -15.43 -6.55
CA TYR B 131 -16.88 -14.48 -6.01
C TYR B 131 -15.60 -14.41 -6.82
N ALA B 132 -15.17 -15.56 -7.35
CA ALA B 132 -13.95 -15.59 -8.15
C ALA B 132 -14.14 -14.77 -9.42
N ASN B 133 -15.33 -14.80 -10.00
CA ASN B 133 -15.61 -14.04 -11.21
C ASN B 133 -15.60 -12.55 -10.92
N ALA B 134 -16.08 -12.18 -9.73
CA ALA B 134 -16.11 -10.78 -9.32
C ALA B 134 -14.68 -10.26 -9.20
N TRP B 135 -13.82 -11.06 -8.59
CA TRP B 135 -12.42 -10.68 -8.43
C TRP B 135 -11.68 -10.63 -9.76
N ALA B 136 -12.07 -11.49 -10.69
CA ALA B 136 -11.43 -11.51 -12.00
C ALA B 136 -11.71 -10.20 -12.69
N LYS B 137 -12.88 -9.63 -12.42
CA LYS B 137 -13.26 -8.35 -13.03
C LYS B 137 -12.45 -7.19 -12.45
N LEU B 138 -12.09 -7.27 -11.17
CA LEU B 138 -11.31 -6.21 -10.54
C LEU B 138 -9.90 -6.28 -11.11
N VAL B 139 -9.38 -7.50 -11.23
CA VAL B 139 -8.04 -7.72 -11.78
C VAL B 139 -8.00 -7.21 -13.22
N ALA B 140 -9.11 -7.34 -13.94
CA ALA B 140 -9.20 -6.89 -15.32
C ALA B 140 -9.03 -5.37 -15.41
N VAL B 141 -9.42 -4.64 -14.36
CA VAL B 141 -9.28 -3.19 -14.36
C VAL B 141 -7.79 -2.86 -14.33
N VAL B 142 -7.03 -3.63 -13.55
CA VAL B 142 -5.59 -3.43 -13.46
C VAL B 142 -4.94 -3.84 -14.78
N GLN B 143 -5.42 -4.92 -15.37
CA GLN B 143 -4.86 -5.39 -16.64
C GLN B 143 -5.00 -4.35 -17.74
N ALA B 144 -6.08 -3.57 -17.67
CA ALA B 144 -6.33 -2.53 -18.65
C ALA B 144 -5.30 -1.40 -18.56
N ALA B 145 -4.64 -1.29 -17.41
CA ALA B 145 -3.64 -0.25 -17.18
C ALA B 145 -2.22 -0.69 -17.51
N LEU B 146 -2.04 -1.98 -17.75
CA LEU B 146 -0.70 -2.50 -18.05
C LEU B 146 -0.41 -2.53 -19.55
CHA HEM C . 6.28 6.41 -3.91
CHB HEM C . 4.68 6.22 0.64
CHC HEM C . 7.63 9.86 1.84
CHD HEM C . 9.36 9.91 -2.67
C1A HEM C . 5.71 5.95 -2.73
C2A HEM C . 4.71 4.90 -2.69
C3A HEM C . 4.24 4.87 -1.42
C4A HEM C . 4.94 5.91 -0.68
CMA HEM C . 3.19 3.89 -0.91
CAA HEM C . 4.27 3.97 -3.82
CBA HEM C . 5.07 2.69 -3.88
CGA HEM C . 6.51 2.92 -4.33
O1A HEM C . 6.71 3.27 -5.51
O2A HEM C . 7.43 2.77 -3.50
C1B HEM C . 5.38 7.17 1.36
C2B HEM C . 5.15 7.45 2.77
C3B HEM C . 5.95 8.50 3.13
C4B HEM C . 6.70 8.84 1.91
CMB HEM C . 4.21 6.64 3.68
CAB HEM C . 6.12 9.12 4.38
CBB HEM C . 5.12 9.22 5.42
C1C HEM C . 8.41 10.15 0.74
C2C HEM C . 9.35 11.25 0.65
C3C HEM C . 9.84 11.29 -0.62
C4C HEM C . 9.22 10.15 -1.31
CMC HEM C . 9.66 12.20 1.81
CAC HEM C . 10.70 12.22 -1.26
CBC HEM C . 11.32 13.39 -0.69
C1D HEM C . 8.59 9.02 -3.39
C2D HEM C . 8.51 9.04 -4.83
C3D HEM C . 7.61 8.10 -5.18
C4D HEM C . 7.16 7.47 -3.95
CMD HEM C . 9.27 9.95 -5.81
CAD HEM C . 7.13 7.81 -6.59
CBD HEM C . 6.03 8.78 -7.01
CGD HEM C . 5.48 8.50 -8.39
O1D HEM C . 6.25 8.63 -9.37
O2D HEM C . 4.30 8.15 -8.50
NA HEM C . 5.91 6.52 -1.48
NB HEM C . 6.40 7.97 0.85
NC HEM C . 8.36 9.44 -0.47
ND HEM C . 7.71 8.10 -2.83
FE HEM C . 7.36 7.77 -0.90
CHA HEM D . 5.61 -5.27 -5.89
CHB HEM D . 0.83 -5.61 -5.25
CHC HEM D . 0.63 -9.07 -8.63
CHD HEM D . 5.35 -8.59 -9.38
C1A HEM D . 4.31 -4.99 -5.51
C2A HEM D . 3.96 -4.02 -4.49
C3A HEM D . 2.62 -4.11 -4.33
C4A HEM D . 2.14 -5.14 -5.23
CMA HEM D . 1.79 -3.23 -3.39
CAA HEM D . 4.88 -3.04 -3.77
CBA HEM D . 4.94 -1.68 -4.46
CGA HEM D . 5.65 -1.74 -5.79
O1A HEM D . 6.88 -1.92 -5.80
O2A HEM D . 4.97 -1.62 -6.83
C1B HEM D . 0.37 -6.58 -6.14
C2B HEM D . -1.02 -7.02 -6.21
C3B HEM D . -1.09 -8.01 -7.14
C4B HEM D . 0.27 -8.12 -7.67
CMB HEM D . -2.18 -6.38 -5.43
CAB HEM D . -2.20 -8.76 -7.60
CBB HEM D . -3.50 -8.87 -7.00
C1C HEM D . 1.89 -9.17 -9.18
C2C HEM D . 2.26 -10.18 -10.14
C3C HEM D . 3.60 -10.05 -10.38
C4C HEM D . 4.02 -8.92 -9.55
CMC HEM D . 1.31 -11.18 -10.79
CAC HEM D . 4.45 -10.77 -11.21
CBC HEM D . 4.18 -11.98 -11.95
C1D HEM D . 5.82 -7.67 -8.47
C2D HEM D . 7.23 -7.52 -8.15
C3D HEM D . 7.31 -6.63 -7.13
C4D HEM D . 5.95 -6.19 -6.87
CMD HEM D . 8.43 -8.21 -8.82
CAD HEM D . 8.59 -6.31 -6.36
CBD HEM D . 8.85 -7.33 -5.26
CGD HEM D . 10.09 -7.03 -4.42
O1D HEM D . 11.21 -7.10 -4.97
O2D HEM D . 9.93 -6.71 -3.23
NA HEM D . 3.18 -5.62 -6.02
NB HEM D . 1.15 -7.20 -7.10
NC HEM D . 2.97 -8.35 -8.85
ND HEM D . 5.02 -6.87 -7.67
FE HEM D . 3.03 -6.74 -7.67
#